data_2Y8K
#
_entry.id   2Y8K
#
_cell.length_a   69.120
_cell.length_b   75.550
_cell.length_c   105.970
_cell.angle_alpha   90.00
_cell.angle_beta   90.00
_cell.angle_gamma   90.00
#
_symmetry.space_group_name_H-M   'P 21 21 21'
#
loop_
_entity.id
_entity.type
_entity.pdbx_description
1 polymer 'CARBOHYDRATE BINDING FAMILY 6'
2 non-polymer GLYCEROL
3 non-polymer 'CALCIUM ION'
4 non-polymer 'SODIUM ION'
5 water water
#
_entity_poly.entity_id   1
_entity_poly.type   'polypeptide(L)'
_entity_poly.pdbx_seq_one_letter_code
;MASSPQRGRPRLNAARTTFVGDNGQPLRGPYTSTEWTAAAPYDQIARVKELGFNAVHLYAECFDPRYPAPGSKAPGYAVN
EIDKIVERTRELGLYLVITIGNGANNGNHNAQWARDFWKFYAPRYAKETHVLYEIHNEPVAWGPPYSSSTANPPGAVDME
IDVYRIIRTYAPETPVLLFSYAVFGGKGGAAEALKDIRAFNKAVFGNENAVWTNEAVAFHGYAGWQETTIAVEELLKAGY
PCFMTEYAGGAWGSGMGGLDVELTYELERLGVSWLTFQYIPPTGVSDDVTKPEYFSALVENSGLSWTPDYGNWPAARGVY
GNGGLARETATWINNFLTGTTRIEAEDFDWGGNGVSYYDTDSVNVGGQYRPDEGVDIEKTSDTGGGYNVGWISEGEWLEY
TIRVRNPGYYNLSLRVAGISGSRVQVSFGNQDKTGVWELPATGGFQTWTTATRQVFLGAGLQKLRINALSGGFNLNWIEL
SPILEHHHHHH
;
_entity_poly.pdbx_strand_id   A
#
# COMPACT_ATOMS: atom_id res chain seq x y z
N ALA A 2 1.42 16.85 -24.75
CA ALA A 2 0.34 17.90 -24.75
C ALA A 2 0.45 18.81 -23.54
N SER A 3 -0.09 20.02 -23.63
CA SER A 3 0.02 21.04 -22.57
C SER A 3 -1.07 20.98 -21.47
N SER A 4 -2.18 20.34 -21.75
CA SER A 4 -3.22 20.19 -20.73
C SER A 4 -2.67 19.34 -19.62
N PRO A 5 -3.01 19.68 -18.36
CA PRO A 5 -2.60 18.86 -17.23
C PRO A 5 -3.40 17.56 -17.09
N GLN A 6 -4.50 17.44 -17.82
CA GLN A 6 -5.40 16.28 -17.68
C GLN A 6 -4.71 14.97 -18.00
N ARG A 7 -4.79 14.02 -17.09
CA ARG A 7 -4.21 12.72 -17.34
C ARG A 7 -4.95 11.93 -18.39
N GLY A 8 -4.17 11.18 -19.20
CA GLY A 8 -4.74 10.25 -20.17
C GLY A 8 -5.42 9.08 -19.51
N ARG A 9 -6.32 8.40 -20.23
CA ARG A 9 -7.07 7.32 -19.64
C ARG A 9 -6.15 6.28 -19.04
N PRO A 10 -6.45 5.80 -17.84
CA PRO A 10 -5.74 4.63 -17.35
C PRO A 10 -6.12 3.44 -18.15
N ARG A 11 -5.18 2.48 -18.25
N ARG A 11 -5.20 2.50 -18.34
CA ARG A 11 -5.39 1.24 -18.99
CA ARG A 11 -5.49 1.30 -19.13
C ARG A 11 -4.95 0.04 -18.24
C ARG A 11 -4.92 0.09 -18.38
N LEU A 12 -5.44 -1.11 -18.62
CA LEU A 12 -4.91 -2.32 -18.03
C LEU A 12 -3.43 -2.46 -18.43
N ASN A 13 -2.63 -2.86 -17.47
CA ASN A 13 -1.22 -3.08 -17.77
C ASN A 13 -1.06 -4.37 -18.59
N ALA A 14 0.13 -4.53 -19.15
CA ALA A 14 0.41 -5.67 -19.98
C ALA A 14 0.23 -6.98 -19.22
N ALA A 15 0.57 -6.97 -17.93
CA ALA A 15 0.42 -8.14 -17.03
C ALA A 15 -1.04 -8.45 -16.66
N ARG A 16 -1.93 -7.51 -16.99
CA ARG A 16 -3.35 -7.58 -16.63
C ARG A 16 -3.59 -7.79 -15.14
N THR A 17 -2.84 -7.06 -14.31
CA THR A 17 -3.03 -7.13 -12.88
C THR A 17 -3.88 -5.95 -12.38
N THR A 18 -3.84 -4.81 -13.05
CA THR A 18 -4.52 -3.61 -12.58
C THR A 18 -4.62 -2.54 -13.65
N PHE A 19 -5.27 -1.42 -13.34
CA PHE A 19 -5.21 -0.21 -14.14
C PHE A 19 -3.99 0.62 -13.78
N VAL A 20 -3.22 0.97 -14.80
CA VAL A 20 -2.10 1.91 -14.64
C VAL A 20 -2.34 3.19 -15.42
N GLY A 21 -1.67 4.28 -15.03
CA GLY A 21 -1.85 5.57 -15.65
C GLY A 21 -1.08 5.77 -16.93
N ASP A 22 -1.08 7.01 -17.37
CA ASP A 22 -0.47 7.42 -18.66
C ASP A 22 1.05 7.60 -18.61
N ASN A 23 1.65 7.12 -17.53
CA ASN A 23 3.09 6.90 -17.41
C ASN A 23 3.42 5.45 -17.00
N GLY A 24 2.47 4.53 -17.15
CA GLY A 24 2.66 3.13 -16.80
C GLY A 24 2.59 2.78 -15.33
N GLN A 25 2.41 3.78 -14.46
CA GLN A 25 2.52 3.52 -13.02
C GLN A 25 1.17 3.28 -12.38
N PRO A 26 1.16 2.50 -11.29
CA PRO A 26 -0.09 2.32 -10.57
C PRO A 26 -0.70 3.67 -10.10
N LEU A 27 -2.01 3.62 -9.93
CA LEU A 27 -2.76 4.66 -9.26
C LEU A 27 -2.68 4.42 -7.75
N ARG A 28 -2.33 5.48 -7.03
CA ARG A 28 -2.19 5.44 -5.55
C ARG A 28 -2.83 6.73 -5.01
N GLY A 29 -3.73 6.63 -4.03
CA GLY A 29 -4.37 7.83 -3.55
C GLY A 29 -5.17 7.63 -2.29
N PRO A 30 -5.57 8.75 -1.68
CA PRO A 30 -6.47 8.80 -0.53
C PRO A 30 -7.88 9.06 -1.04
N TYR A 31 -8.80 9.46 -0.17
CA TYR A 31 -10.20 9.73 -0.56
C TYR A 31 -10.69 11.08 -0.11
N THR A 32 -11.84 11.46 -0.71
CA THR A 32 -12.67 12.54 -0.23
C THR A 32 -14.12 12.23 -0.53
N SER A 33 -15.01 13.07 -0.03
CA SER A 33 -16.45 12.86 -0.16
C SER A 33 -17.17 14.15 -0.42
N THR A 34 -18.15 14.07 -1.31
CA THR A 34 -19.14 15.15 -1.53
C THR A 34 -20.55 14.67 -1.13
N GLU A 35 -20.61 13.61 -0.31
CA GLU A 35 -21.89 12.99 0.05
C GLU A 35 -22.78 13.93 0.88
N TRP A 36 -22.18 14.71 1.75
CA TRP A 36 -22.93 15.71 2.55
C TRP A 36 -22.11 16.95 2.82
N THR A 37 -21.01 17.13 2.12
CA THR A 37 -20.17 18.28 2.26
C THR A 37 -19.81 18.90 0.91
N ALA A 38 -19.34 20.15 0.93
CA ALA A 38 -18.73 20.76 -0.21
C ALA A 38 -17.51 19.98 -0.69
N ALA A 39 -17.17 20.19 -1.96
CA ALA A 39 -15.92 19.71 -2.50
C ALA A 39 -14.71 20.21 -1.72
N ALA A 40 -13.78 19.32 -1.40
CA ALA A 40 -12.54 19.71 -0.76
C ALA A 40 -11.84 20.78 -1.58
N PRO A 41 -11.21 21.77 -0.94
CA PRO A 41 -10.59 22.84 -1.72
C PRO A 41 -9.40 22.42 -2.55
N TYR A 42 -9.16 23.13 -3.65
CA TYR A 42 -8.04 22.85 -4.54
C TYR A 42 -6.72 22.73 -3.79
N ASP A 43 -6.45 23.68 -2.90
CA ASP A 43 -5.18 23.72 -2.20
C ASP A 43 -4.95 22.48 -1.30
N GLN A 44 -6.04 21.90 -0.76
CA GLN A 44 -5.93 20.69 0.05
C GLN A 44 -5.77 19.46 -0.84
N ILE A 45 -6.53 19.37 -1.92
CA ILE A 45 -6.38 18.24 -2.85
C ILE A 45 -4.96 18.23 -3.40
N ALA A 46 -4.40 19.41 -3.66
CA ALA A 46 -3.04 19.50 -4.18
C ALA A 46 -1.98 18.87 -3.28
N ARG A 47 -2.26 18.79 -1.97
CA ARG A 47 -1.31 18.25 -1.00
C ARG A 47 -1.05 16.75 -1.27
N VAL A 48 -1.98 16.09 -1.95
CA VAL A 48 -1.79 14.65 -2.20
C VAL A 48 -0.58 14.41 -3.06
N LYS A 49 -0.25 15.37 -3.93
CA LYS A 49 0.87 15.23 -4.85
C LYS A 49 2.21 15.18 -4.14
N GLU A 50 2.29 15.81 -2.96
CA GLU A 50 3.53 15.84 -2.19
C GLU A 50 3.61 14.71 -1.18
N LEU A 51 2.56 13.89 -1.15
CA LEU A 51 2.50 12.68 -0.34
C LEU A 51 2.59 11.41 -1.22
N GLY A 52 3.11 11.55 -2.43
CA GLY A 52 3.41 10.42 -3.29
C GLY A 52 2.25 9.87 -4.09
N PHE A 53 1.13 10.57 -4.05
CA PHE A 53 -0.13 10.10 -4.65
C PHE A 53 -0.32 10.68 -6.06
N ASN A 54 -1.13 9.99 -6.86
CA ASN A 54 -1.57 10.47 -8.15
C ASN A 54 -3.03 10.32 -8.46
N ALA A 55 -3.83 9.99 -7.44
CA ALA A 55 -5.23 9.63 -7.62
C ALA A 55 -6.04 10.03 -6.39
N VAL A 56 -7.33 10.20 -6.58
CA VAL A 56 -8.26 10.50 -5.51
C VAL A 56 -9.48 9.58 -5.64
N HIS A 57 -9.90 8.98 -4.53
CA HIS A 57 -11.15 8.24 -4.47
C HIS A 57 -12.24 9.22 -4.03
N LEU A 58 -13.32 9.34 -4.80
CA LEU A 58 -14.46 10.17 -4.42
C LEU A 58 -15.68 9.33 -4.13
N TYR A 59 -16.15 9.38 -2.87
CA TYR A 59 -17.48 8.95 -2.53
C TYR A 59 -18.38 10.14 -2.86
N ALA A 60 -19.02 10.06 -4.05
CA ALA A 60 -19.68 11.25 -4.65
C ALA A 60 -21.00 11.64 -4.01
N GLU A 61 -21.84 10.65 -3.87
CA GLU A 61 -23.17 10.80 -3.21
C GLU A 61 -23.41 9.52 -2.47
N CYS A 62 -24.18 9.59 -1.40
N CYS A 62 -24.26 9.61 -1.46
CA CYS A 62 -24.63 8.35 -0.76
CA CYS A 62 -24.67 8.48 -0.65
C CYS A 62 -26.07 8.05 -1.11
C CYS A 62 -26.08 8.07 -1.07
N PHE A 63 -26.32 6.78 -1.31
CA PHE A 63 -27.63 6.33 -1.74
C PHE A 63 -28.64 6.48 -0.60
N ASP A 64 -29.93 6.56 -0.99
CA ASP A 64 -31.03 6.61 -0.03
C ASP A 64 -31.81 5.31 -0.13
N PRO A 65 -31.82 4.49 0.94
CA PRO A 65 -32.60 3.26 0.91
C PRO A 65 -34.10 3.49 0.67
N ARG A 66 -34.59 4.69 0.98
CA ARG A 66 -36.03 5.03 0.87
CA ARG A 66 -36.02 4.95 0.86
C ARG A 66 -36.47 5.40 -0.54
N TYR A 67 -35.52 5.71 -1.41
CA TYR A 67 -35.81 6.15 -2.76
C TYR A 67 -36.54 5.06 -3.56
N PRO A 68 -37.55 5.44 -4.35
CA PRO A 68 -38.01 6.78 -4.70
C PRO A 68 -39.23 7.32 -3.91
N ALA A 69 -39.38 6.92 -2.67
CA ALA A 69 -40.53 7.36 -1.86
C ALA A 69 -40.49 8.88 -1.63
N PRO A 70 -41.66 9.49 -1.30
CA PRO A 70 -41.68 10.92 -1.00
C PRO A 70 -40.65 11.33 0.08
N GLY A 71 -39.94 12.42 -0.19
CA GLY A 71 -38.94 12.98 0.73
C GLY A 71 -37.54 12.36 0.60
N SER A 72 -37.42 11.31 -0.20
CA SER A 72 -36.14 10.64 -0.42
C SER A 72 -35.21 11.52 -1.25
N LYS A 73 -33.90 11.28 -1.08
CA LYS A 73 -32.92 12.09 -1.81
C LYS A 73 -32.57 11.37 -3.10
N ALA A 74 -32.77 12.07 -4.19
CA ALA A 74 -32.54 11.50 -5.50
C ALA A 74 -31.07 11.66 -5.90
N PRO A 75 -30.54 10.75 -6.73
CA PRO A 75 -29.20 10.95 -7.25
C PRO A 75 -29.13 12.27 -8.04
N GLY A 76 -27.94 12.86 -8.02
CA GLY A 76 -27.70 14.14 -8.72
C GLY A 76 -27.62 15.33 -7.79
N TYR A 77 -27.97 15.14 -6.50
CA TYR A 77 -28.02 16.26 -5.57
C TYR A 77 -26.69 16.97 -5.37
N ALA A 78 -25.56 16.28 -5.54
CA ALA A 78 -24.25 16.87 -5.32
C ALA A 78 -23.49 17.26 -6.60
N VAL A 79 -24.20 17.33 -7.73
CA VAL A 79 -23.56 17.58 -9.00
C VAL A 79 -22.61 18.78 -9.01
N ASN A 80 -22.98 19.88 -8.36
CA ASN A 80 -22.14 21.05 -8.38
C ASN A 80 -20.80 20.83 -7.68
N GLU A 81 -20.81 20.00 -6.64
CA GLU A 81 -19.61 19.69 -5.89
C GLU A 81 -18.76 18.64 -6.60
N ILE A 82 -19.42 17.63 -7.16
CA ILE A 82 -18.71 16.59 -7.92
C ILE A 82 -18.05 17.22 -9.13
N ASP A 83 -18.76 18.17 -9.77
CA ASP A 83 -18.13 18.86 -10.91
C ASP A 83 -16.81 19.53 -10.46
N LYS A 84 -16.78 20.16 -9.29
CA LYS A 84 -15.60 20.83 -8.77
C LYS A 84 -14.48 19.81 -8.50
N ILE A 85 -14.80 18.65 -7.94
CA ILE A 85 -13.78 17.61 -7.75
C ILE A 85 -13.18 17.15 -9.10
N VAL A 86 -14.07 16.93 -10.09
CA VAL A 86 -13.62 16.54 -11.44
C VAL A 86 -12.68 17.61 -12.00
N GLU A 87 -13.07 18.89 -11.87
CA GLU A 87 -12.26 20.01 -12.39
C GLU A 87 -10.92 20.15 -11.70
N ARG A 88 -10.94 20.02 -10.38
CA ARG A 88 -9.76 20.21 -9.56
C ARG A 88 -8.75 19.10 -9.81
N THR A 89 -9.21 17.84 -9.81
CA THR A 89 -8.31 16.74 -10.17
C THR A 89 -7.79 16.82 -11.60
N ARG A 90 -8.64 17.28 -12.52
CA ARG A 90 -8.22 17.49 -13.92
C ARG A 90 -6.97 18.38 -13.93
N GLU A 91 -7.12 19.54 -13.31
CA GLU A 91 -6.10 20.56 -13.34
C GLU A 91 -4.83 20.16 -12.60
N LEU A 92 -5.01 19.37 -11.52
CA LEU A 92 -3.88 18.93 -10.73
C LEU A 92 -3.13 17.72 -11.30
N GLY A 93 -3.59 17.19 -12.43
CA GLY A 93 -2.95 16.02 -12.98
C GLY A 93 -3.12 14.76 -12.17
N LEU A 94 -4.31 14.63 -11.59
CA LEU A 94 -4.68 13.48 -10.78
C LEU A 94 -5.75 12.65 -11.46
N TYR A 95 -5.69 11.34 -11.18
CA TYR A 95 -6.80 10.44 -11.48
C TYR A 95 -7.92 10.57 -10.44
N LEU A 96 -9.12 10.20 -10.84
CA LEU A 96 -10.32 10.31 -9.97
C LEU A 96 -11.15 9.05 -10.15
N VAL A 97 -11.40 8.35 -9.05
CA VAL A 97 -12.29 7.15 -9.06
C VAL A 97 -13.59 7.53 -8.36
N ILE A 98 -14.66 7.66 -9.13
CA ILE A 98 -15.96 8.07 -8.59
C ILE A 98 -16.80 6.85 -8.24
N THR A 99 -17.34 6.86 -7.02
CA THR A 99 -18.31 5.83 -6.58
C THR A 99 -19.51 6.39 -5.81
N ILE A 100 -20.46 5.49 -5.59
CA ILE A 100 -21.60 5.72 -4.72
C ILE A 100 -21.24 5.22 -3.32
N GLY A 101 -21.37 6.11 -2.33
CA GLY A 101 -21.16 5.79 -0.92
C GLY A 101 -22.44 5.36 -0.22
N ASN A 102 -22.30 4.95 1.05
CA ASN A 102 -23.39 4.28 1.78
C ASN A 102 -23.91 4.98 3.02
N GLY A 103 -23.19 5.98 3.53
CA GLY A 103 -23.60 6.59 4.84
C GLY A 103 -23.62 5.52 5.91
N ALA A 104 -24.73 5.42 6.67
CA ALA A 104 -24.90 4.42 7.74
C ALA A 104 -25.27 3.06 7.23
N ASN A 105 -25.34 2.91 5.91
CA ASN A 105 -25.84 1.71 5.29
C ASN A 105 -24.79 0.96 4.46
N ASN A 106 -23.58 0.78 4.99
CA ASN A 106 -22.59 -0.01 4.28
C ASN A 106 -23.10 -1.44 4.24
N GLY A 107 -22.70 -2.17 3.22
CA GLY A 107 -23.14 -3.54 3.03
C GLY A 107 -24.58 -3.61 2.54
N ASN A 108 -24.98 -2.60 1.77
CA ASN A 108 -26.36 -2.48 1.29
C ASN A 108 -26.33 -1.56 0.07
N HIS A 109 -27.42 -1.59 -0.72
CA HIS A 109 -27.60 -0.75 -1.89
C HIS A 109 -29.07 -0.63 -2.22
N ASN A 110 -29.40 0.35 -3.04
CA ASN A 110 -30.72 0.51 -3.64
C ASN A 110 -30.51 0.48 -5.15
N ALA A 111 -30.97 -0.61 -5.78
CA ALA A 111 -30.67 -0.82 -7.20
C ALA A 111 -31.19 0.32 -8.08
N GLN A 112 -32.43 0.74 -7.87
CA GLN A 112 -33.00 1.83 -8.66
C GLN A 112 -32.18 3.10 -8.48
N TRP A 113 -31.78 3.39 -7.24
CA TRP A 113 -30.99 4.59 -6.96
C TRP A 113 -29.67 4.54 -7.76
N ALA A 114 -29.01 3.38 -7.72
CA ALA A 114 -27.74 3.19 -8.43
C ALA A 114 -27.88 3.34 -9.93
N ARG A 115 -28.92 2.72 -10.50
CA ARG A 115 -29.16 2.88 -11.96
C ARG A 115 -29.36 4.33 -12.31
N ASP A 116 -30.17 5.04 -11.53
CA ASP A 116 -30.45 6.46 -11.80
C ASP A 116 -29.23 7.38 -11.62
N PHE A 117 -28.39 7.07 -10.63
CA PHE A 117 -27.15 7.80 -10.43
C PHE A 117 -26.29 7.70 -11.69
N TRP A 118 -26.08 6.48 -12.17
CA TRP A 118 -25.20 6.30 -13.34
C TRP A 118 -25.82 6.79 -14.65
N LYS A 119 -27.15 6.74 -14.78
CA LYS A 119 -27.80 7.34 -15.94
C LYS A 119 -27.46 8.84 -15.99
N PHE A 120 -27.38 9.48 -14.83
CA PHE A 120 -27.08 10.90 -14.77
C PHE A 120 -25.57 11.17 -14.95
N TYR A 121 -24.74 10.49 -14.20
CA TYR A 121 -23.32 10.80 -14.17
C TYR A 121 -22.46 10.11 -15.23
N ALA A 122 -22.84 8.92 -15.73
CA ALA A 122 -21.99 8.26 -16.76
C ALA A 122 -21.76 9.16 -17.99
N PRO A 123 -22.85 9.70 -18.58
CA PRO A 123 -22.61 10.62 -19.70
C PRO A 123 -21.88 11.87 -19.30
N ARG A 124 -22.12 12.36 -18.10
CA ARG A 124 -21.56 13.64 -17.71
C ARG A 124 -20.04 13.68 -17.73
N TYR A 125 -19.42 12.61 -17.24
CA TYR A 125 -17.97 12.56 -17.16
C TYR A 125 -17.33 11.55 -18.12
N ALA A 126 -18.09 11.10 -19.15
CA ALA A 126 -17.61 10.13 -20.12
C ALA A 126 -16.30 10.54 -20.78
N LYS A 127 -16.18 11.83 -21.09
CA LYS A 127 -15.03 12.30 -21.85
C LYS A 127 -13.92 12.81 -20.95
N GLU A 128 -14.09 12.73 -19.62
CA GLU A 128 -13.06 13.15 -18.68
C GLU A 128 -12.07 12.00 -18.52
N THR A 129 -10.93 12.07 -19.24
CA THR A 129 -10.08 10.91 -19.37
C THR A 129 -9.39 10.48 -18.06
N HIS A 130 -9.33 11.41 -17.09
CA HIS A 130 -8.73 11.10 -15.79
C HIS A 130 -9.72 10.41 -14.81
N VAL A 131 -10.98 10.22 -15.23
CA VAL A 131 -12.03 9.73 -14.35
C VAL A 131 -12.40 8.27 -14.64
N LEU A 132 -12.43 7.47 -13.57
CA LEU A 132 -12.84 6.08 -13.59
C LEU A 132 -14.14 5.97 -12.81
N TYR A 133 -14.96 4.99 -13.17
CA TYR A 133 -16.23 4.73 -12.49
C TYR A 133 -16.20 3.43 -11.69
N GLU A 134 -16.53 3.53 -10.41
CA GLU A 134 -16.63 2.36 -9.54
C GLU A 134 -18.13 2.23 -9.20
N ILE A 135 -18.76 1.17 -9.69
CA ILE A 135 -20.22 1.02 -9.69
C ILE A 135 -20.87 1.34 -8.34
N HIS A 136 -20.40 0.75 -7.24
CA HIS A 136 -21.08 0.97 -5.95
C HIS A 136 -20.20 0.48 -4.81
N ASN A 137 -19.98 1.33 -3.83
CA ASN A 137 -19.23 0.92 -2.63
C ASN A 137 -19.99 -0.18 -1.86
N GLU A 138 -19.26 -1.19 -1.37
CA GLU A 138 -19.76 -2.23 -0.43
C GLU A 138 -21.27 -2.43 -0.50
N PRO A 139 -21.76 -3.05 -1.60
CA PRO A 139 -23.21 -3.10 -1.78
C PRO A 139 -23.91 -4.25 -1.06
N VAL A 140 -23.11 -5.13 -0.48
CA VAL A 140 -23.57 -6.37 0.14
C VAL A 140 -22.73 -6.61 1.38
N ALA A 141 -23.40 -7.03 2.44
CA ALA A 141 -22.74 -7.36 3.70
C ALA A 141 -22.37 -8.86 3.69
N TRP A 142 -21.11 -9.23 3.44
CA TRP A 142 -19.92 -8.34 3.38
C TRP A 142 -18.94 -8.73 2.27
N GLY A 143 -19.31 -9.62 1.35
CA GLY A 143 -18.38 -10.05 0.30
C GLY A 143 -19.02 -11.09 -0.57
N PRO A 144 -18.22 -11.74 -1.41
CA PRO A 144 -18.79 -12.71 -2.34
C PRO A 144 -19.26 -14.00 -1.64
N PRO A 145 -20.16 -14.73 -2.30
CA PRO A 145 -20.76 -14.50 -3.61
C PRO A 145 -22.02 -13.66 -3.54
N TYR A 146 -22.01 -12.50 -4.19
CA TYR A 146 -23.21 -11.72 -4.30
C TYR A 146 -24.34 -12.49 -5.03
N SER A 147 -23.93 -13.43 -5.89
CA SER A 147 -24.87 -14.19 -6.73
C SER A 147 -25.64 -15.24 -5.94
N SER A 148 -25.27 -15.48 -4.68
CA SER A 148 -26.06 -16.38 -3.83
C SER A 148 -27.43 -15.83 -3.52
N SER A 149 -28.43 -16.72 -3.51
CA SER A 149 -29.77 -16.31 -3.16
C SER A 149 -29.88 -15.82 -1.70
N THR A 150 -28.89 -16.16 -0.86
CA THR A 150 -28.90 -15.77 0.55
C THR A 150 -27.96 -14.59 0.82
N ALA A 151 -27.44 -13.96 -0.25
CA ALA A 151 -26.67 -12.74 -0.06
C ALA A 151 -27.55 -11.67 0.57
N ASN A 152 -26.92 -10.79 1.36
CA ASN A 152 -27.59 -9.71 2.08
C ASN A 152 -27.14 -8.34 1.60
N PRO A 153 -27.90 -7.70 0.71
CA PRO A 153 -29.16 -8.15 0.11
C PRO A 153 -28.90 -8.91 -1.16
N PRO A 154 -29.90 -9.64 -1.65
CA PRO A 154 -29.77 -10.36 -2.91
C PRO A 154 -29.83 -9.44 -4.13
N GLY A 155 -29.36 -9.99 -5.26
CA GLY A 155 -29.47 -9.35 -6.54
C GLY A 155 -28.42 -8.31 -6.91
N ALA A 156 -27.36 -8.19 -6.13
CA ALA A 156 -26.35 -7.18 -6.47
C ALA A 156 -25.69 -7.45 -7.81
N VAL A 157 -25.57 -8.72 -8.22
CA VAL A 157 -24.95 -8.97 -9.53
C VAL A 157 -25.86 -8.38 -10.63
N ASP A 158 -27.18 -8.47 -10.45
CA ASP A 158 -28.10 -7.86 -11.41
C ASP A 158 -27.90 -6.33 -11.47
N MET A 159 -27.66 -5.70 -10.33
CA MET A 159 -27.37 -4.28 -10.30
CA MET A 159 -27.34 -4.26 -10.31
C MET A 159 -26.05 -4.01 -11.06
N GLU A 160 -25.03 -4.84 -10.83
CA GLU A 160 -23.73 -4.68 -11.51
C GLU A 160 -23.92 -4.77 -13.01
N ILE A 161 -24.71 -5.74 -13.45
CA ILE A 161 -24.98 -5.92 -14.89
C ILE A 161 -25.72 -4.70 -15.45
N ASP A 162 -26.80 -4.31 -14.77
CA ASP A 162 -27.64 -3.24 -15.26
C ASP A 162 -26.85 -1.92 -15.33
N VAL A 163 -26.09 -1.64 -14.28
CA VAL A 163 -25.30 -0.42 -14.23
C VAL A 163 -24.18 -0.46 -15.29
N TYR A 164 -23.52 -1.59 -15.45
CA TYR A 164 -22.49 -1.73 -16.49
C TYR A 164 -23.07 -1.36 -17.86
N ARG A 165 -24.25 -1.90 -18.20
CA ARG A 165 -24.87 -1.56 -19.47
C ARG A 165 -25.17 -0.07 -19.59
N ILE A 166 -25.70 0.54 -18.53
CA ILE A 166 -25.97 1.97 -18.53
C ILE A 166 -24.64 2.74 -18.78
N ILE A 167 -23.60 2.41 -18.01
CA ILE A 167 -22.31 3.08 -18.16
C ILE A 167 -21.78 2.95 -19.57
N ARG A 168 -21.78 1.75 -20.11
CA ARG A 168 -21.15 1.54 -21.43
C ARG A 168 -21.94 2.16 -22.57
N THR A 169 -23.24 2.33 -22.38
CA THR A 169 -24.09 3.05 -23.32
C THR A 169 -23.63 4.49 -23.50
N TYR A 170 -23.34 5.17 -22.39
CA TYR A 170 -23.03 6.59 -22.39
C TYR A 170 -21.53 6.93 -22.29
N ALA A 171 -20.74 5.96 -21.86
CA ALA A 171 -19.32 6.14 -21.58
C ALA A 171 -18.56 4.90 -22.06
N PRO A 172 -18.45 4.75 -23.38
CA PRO A 172 -17.92 3.52 -23.94
C PRO A 172 -16.47 3.21 -23.59
N GLU A 173 -15.71 4.22 -23.19
CA GLU A 173 -14.28 4.10 -22.95
C GLU A 173 -13.84 4.33 -21.50
N THR A 174 -14.79 4.54 -20.60
CA THR A 174 -14.43 4.81 -19.20
C THR A 174 -14.16 3.51 -18.41
N PRO A 175 -12.99 3.42 -17.72
CA PRO A 175 -12.73 2.23 -16.89
C PRO A 175 -13.84 2.03 -15.87
N VAL A 176 -14.24 0.78 -15.72
CA VAL A 176 -15.25 0.40 -14.74
C VAL A 176 -14.68 -0.59 -13.71
N LEU A 177 -14.88 -0.24 -12.44
CA LEU A 177 -14.48 -1.09 -11.31
C LEU A 177 -15.74 -1.73 -10.69
N LEU A 178 -15.69 -3.06 -10.61
CA LEU A 178 -16.86 -3.91 -10.29
C LEU A 178 -16.82 -4.42 -8.85
N PHE A 179 -18.01 -4.63 -8.29
CA PHE A 179 -18.24 -5.35 -7.03
C PHE A 179 -17.91 -4.62 -5.73
N SER A 180 -16.69 -4.09 -5.61
CA SER A 180 -16.26 -3.35 -4.40
C SER A 180 -16.51 -4.18 -3.14
N TYR A 181 -16.01 -5.39 -3.17
CA TYR A 181 -16.18 -6.31 -2.04
C TYR A 181 -15.57 -5.80 -0.74
N ALA A 182 -16.34 -5.73 0.36
CA ALA A 182 -15.79 -5.24 1.63
C ALA A 182 -14.72 -6.19 2.20
N VAL A 183 -15.05 -7.47 2.18
CA VAL A 183 -14.27 -8.53 2.80
C VAL A 183 -13.98 -9.56 1.71
N PHE A 184 -12.71 -9.61 1.30
CA PHE A 184 -12.25 -10.39 0.14
C PHE A 184 -11.01 -11.14 0.56
N GLY A 185 -11.22 -12.40 0.99
CA GLY A 185 -10.13 -13.12 1.65
C GLY A 185 -10.09 -14.60 1.37
N GLY A 186 -8.87 -15.10 1.31
CA GLY A 186 -8.62 -16.52 1.16
C GLY A 186 -8.80 -17.03 -0.26
N LYS A 187 -8.39 -18.28 -0.46
CA LYS A 187 -8.73 -18.95 -1.72
C LYS A 187 -10.25 -19.04 -1.90
N GLY A 188 -10.98 -19.19 -0.79
CA GLY A 188 -12.43 -19.22 -0.79
C GLY A 188 -13.04 -17.94 -1.32
N GLY A 189 -12.53 -16.80 -0.87
CA GLY A 189 -13.04 -15.52 -1.35
C GLY A 189 -12.87 -15.34 -2.84
N ALA A 190 -11.73 -15.73 -3.38
CA ALA A 190 -11.50 -15.66 -4.80
C ALA A 190 -12.46 -16.60 -5.54
N ALA A 191 -12.62 -17.82 -5.05
CA ALA A 191 -13.52 -18.77 -5.72
C ALA A 191 -14.96 -18.27 -5.73
N GLU A 192 -15.41 -17.66 -4.64
CA GLU A 192 -16.76 -17.10 -4.59
C GLU A 192 -16.90 -15.88 -5.50
N ALA A 193 -15.86 -15.05 -5.55
CA ALA A 193 -15.88 -13.93 -6.47
C ALA A 193 -15.96 -14.41 -7.92
N LEU A 194 -15.30 -15.52 -8.24
CA LEU A 194 -15.32 -16.03 -9.61
C LEU A 194 -16.74 -16.49 -10.00
N LYS A 195 -17.56 -16.94 -9.04
CA LYS A 195 -18.98 -17.18 -9.32
C LYS A 195 -19.66 -15.92 -9.82
N ASP A 196 -19.45 -14.81 -9.11
CA ASP A 196 -20.04 -13.54 -9.47
C ASP A 196 -19.54 -13.05 -10.83
N ILE A 197 -18.22 -13.17 -11.03
CA ILE A 197 -17.57 -12.75 -12.28
C ILE A 197 -18.12 -13.54 -13.47
N ARG A 198 -18.25 -14.85 -13.31
CA ARG A 198 -18.79 -15.68 -14.38
C ARG A 198 -20.23 -15.29 -14.70
N ALA A 199 -21.05 -15.07 -13.69
CA ALA A 199 -22.43 -14.62 -13.93
C ALA A 199 -22.51 -13.28 -14.64
N PHE A 200 -21.72 -12.33 -14.18
CA PHE A 200 -21.63 -11.03 -14.81
C PHE A 200 -21.23 -11.16 -16.30
N ASN A 201 -20.15 -11.91 -16.53
CA ASN A 201 -19.60 -12.10 -17.86
C ASN A 201 -20.58 -12.77 -18.80
N LYS A 202 -21.30 -13.77 -18.31
CA LYS A 202 -22.27 -14.43 -19.16
C LYS A 202 -23.34 -13.45 -19.61
N ALA A 203 -23.83 -12.63 -18.68
CA ALA A 203 -24.90 -11.69 -18.99
C ALA A 203 -24.48 -10.54 -19.94
N VAL A 204 -23.27 -10.00 -19.74
CA VAL A 204 -22.93 -8.81 -20.54
CA VAL A 204 -22.79 -8.81 -20.42
C VAL A 204 -21.99 -9.14 -21.71
N PHE A 205 -21.23 -10.23 -21.64
CA PHE A 205 -20.31 -10.58 -22.73
C PHE A 205 -20.69 -11.87 -23.45
N GLY A 206 -21.67 -12.60 -22.95
CA GLY A 206 -22.11 -13.83 -23.60
C GLY A 206 -21.22 -15.01 -23.36
N ASN A 207 -20.28 -14.89 -22.42
CA ASN A 207 -19.27 -15.93 -22.21
C ASN A 207 -18.83 -15.79 -20.76
N GLU A 208 -18.94 -16.86 -19.97
CA GLU A 208 -18.53 -16.82 -18.56
C GLU A 208 -17.05 -16.46 -18.39
N ASN A 209 -16.22 -16.76 -19.39
CA ASN A 209 -14.76 -16.56 -19.32
C ASN A 209 -14.17 -15.40 -20.13
N ALA A 210 -14.90 -14.32 -20.22
CA ALA A 210 -14.44 -13.15 -20.97
C ALA A 210 -13.10 -12.54 -20.51
N VAL A 211 -12.32 -12.05 -21.45
CA VAL A 211 -11.07 -11.34 -21.18
C VAL A 211 -11.37 -9.83 -21.17
N TRP A 212 -11.42 -9.24 -19.96
CA TRP A 212 -11.75 -7.84 -19.84
C TRP A 212 -10.68 -6.94 -20.47
N THR A 213 -11.13 -5.91 -21.16
CA THR A 213 -10.22 -4.91 -21.73
C THR A 213 -10.25 -3.57 -20.99
N ASN A 214 -11.26 -3.34 -20.14
CA ASN A 214 -11.43 -2.02 -19.52
C ASN A 214 -12.25 -2.08 -18.24
N GLU A 215 -12.02 -3.14 -17.48
CA GLU A 215 -12.74 -3.46 -16.24
C GLU A 215 -11.76 -4.11 -15.28
N ALA A 216 -12.03 -3.99 -13.98
CA ALA A 216 -11.27 -4.67 -12.94
C ALA A 216 -12.19 -4.87 -11.73
N VAL A 217 -11.83 -5.83 -10.89
CA VAL A 217 -12.52 -6.04 -9.62
C VAL A 217 -12.02 -5.06 -8.59
N ALA A 218 -12.93 -4.22 -8.10
CA ALA A 218 -12.65 -3.38 -6.92
C ALA A 218 -12.89 -4.23 -5.68
N PHE A 219 -11.95 -4.14 -4.73
CA PHE A 219 -12.05 -4.85 -3.47
C PHE A 219 -11.50 -3.97 -2.36
N HIS A 220 -11.87 -4.34 -1.16
CA HIS A 220 -11.42 -3.67 0.06
C HIS A 220 -10.57 -4.60 0.90
N GLY A 221 -9.98 -4.08 1.99
CA GLY A 221 -8.99 -4.83 2.74
C GLY A 221 -9.46 -5.44 4.05
N TYR A 222 -10.76 -5.49 4.29
CA TYR A 222 -11.28 -5.80 5.62
C TYR A 222 -11.23 -7.28 6.01
N ALA A 223 -10.80 -8.15 5.11
CA ALA A 223 -10.41 -9.52 5.49
C ALA A 223 -9.07 -9.56 6.21
N GLY A 224 -8.35 -8.44 6.23
CA GLY A 224 -6.99 -8.39 6.75
C GLY A 224 -5.97 -8.63 5.68
N TRP A 225 -4.73 -8.21 5.91
CA TRP A 225 -3.78 -8.20 4.84
C TRP A 225 -3.43 -9.59 4.33
N GLN A 226 -3.30 -10.55 5.24
CA GLN A 226 -2.84 -11.89 4.81
C GLN A 226 -3.88 -12.56 3.93
N GLU A 227 -5.10 -12.56 4.41
CA GLU A 227 -6.19 -13.19 3.67
CA GLU A 227 -6.18 -13.20 3.65
C GLU A 227 -6.51 -12.45 2.37
N THR A 228 -6.44 -11.11 2.42
CA THR A 228 -6.68 -10.35 1.18
C THR A 228 -5.62 -10.64 0.13
N THR A 229 -4.37 -10.74 0.55
CA THR A 229 -3.28 -11.00 -0.40
C THR A 229 -3.53 -12.34 -1.13
N ILE A 230 -3.92 -13.34 -0.38
CA ILE A 230 -4.21 -14.67 -0.95
C ILE A 230 -5.36 -14.59 -1.98
N ALA A 231 -6.44 -13.90 -1.65
CA ALA A 231 -7.58 -13.78 -2.56
C ALA A 231 -7.17 -13.05 -3.83
N VAL A 232 -6.41 -11.95 -3.68
CA VAL A 232 -5.92 -11.22 -4.85
C VAL A 232 -5.03 -12.08 -5.74
N GLU A 233 -4.08 -12.76 -5.12
CA GLU A 233 -3.18 -13.66 -5.88
C GLU A 233 -3.98 -14.66 -6.70
N GLU A 234 -5.00 -15.24 -6.08
CA GLU A 234 -5.81 -16.25 -6.77
C GLU A 234 -6.63 -15.66 -7.88
N LEU A 235 -7.19 -14.47 -7.68
CA LEU A 235 -7.96 -13.85 -8.73
C LEU A 235 -7.08 -13.45 -9.92
N LEU A 236 -5.86 -12.94 -9.63
CA LEU A 236 -4.94 -12.58 -10.70
C LEU A 236 -4.55 -13.81 -11.51
N LYS A 237 -4.39 -14.93 -10.82
CA LYS A 237 -4.04 -16.19 -11.53
C LYS A 237 -5.18 -16.63 -12.46
N ALA A 238 -6.40 -16.33 -12.06
CA ALA A 238 -7.59 -16.67 -12.85
C ALA A 238 -7.81 -15.73 -14.02
N GLY A 239 -7.00 -14.67 -14.10
CA GLY A 239 -7.01 -13.76 -15.24
C GLY A 239 -7.85 -12.50 -15.12
N TYR A 240 -8.20 -12.09 -13.90
CA TYR A 240 -9.02 -10.89 -13.71
C TYR A 240 -8.25 -9.82 -12.96
N PRO A 241 -8.07 -8.64 -13.59
CA PRO A 241 -7.37 -7.55 -12.91
C PRO A 241 -8.14 -7.05 -11.73
N CYS A 242 -7.46 -6.42 -10.79
N CYS A 242 -7.41 -6.44 -10.79
CA CYS A 242 -8.13 -5.86 -9.65
CA CYS A 242 -7.95 -5.98 -9.51
C CYS A 242 -7.51 -4.52 -9.21
C CYS A 242 -7.55 -4.52 -9.26
N PHE A 243 -8.22 -3.89 -8.29
CA PHE A 243 -7.94 -2.50 -7.91
C PHE A 243 -8.43 -2.37 -6.47
N MET A 244 -7.50 -2.11 -5.56
CA MET A 244 -7.87 -1.86 -4.15
C MET A 244 -8.51 -0.49 -4.02
N THR A 245 -9.74 -0.42 -3.46
CA THR A 245 -10.38 0.90 -3.34
C THR A 245 -10.66 1.43 -1.92
N GLU A 246 -10.43 0.61 -0.88
CA GLU A 246 -10.63 1.08 0.49
C GLU A 246 -10.02 0.09 1.46
N TYR A 247 -9.11 0.57 2.29
CA TYR A 247 -8.49 -0.25 3.32
C TYR A 247 -7.82 0.64 4.35
N ALA A 248 -7.56 0.04 5.51
CA ALA A 248 -6.87 0.73 6.63
C ALA A 248 -6.29 -0.32 7.55
N GLY A 249 -5.34 0.11 8.37
CA GLY A 249 -4.61 -0.81 9.22
C GLY A 249 -5.16 -0.94 10.61
N GLY A 250 -6.47 -0.82 10.76
CA GLY A 250 -7.14 -1.04 12.07
C GLY A 250 -7.48 -2.48 12.42
N GLY A 253 -12.05 -5.14 10.44
CA GLY A 253 -13.18 -4.46 9.77
C GLY A 253 -13.27 -2.96 9.91
N SER A 254 -12.27 -2.38 10.57
CA SER A 254 -12.26 -0.99 10.88
C SER A 254 -11.54 -0.17 9.78
N GLY A 255 -12.19 0.88 9.33
CA GLY A 255 -11.57 1.87 8.44
C GLY A 255 -10.64 2.82 9.22
N MET A 256 -10.49 2.60 10.52
CA MET A 256 -9.69 3.53 11.35
C MET A 256 -8.31 2.97 11.53
N GLY A 257 -7.33 3.85 11.72
CA GLY A 257 -6.01 3.46 12.13
C GLY A 257 -4.86 3.88 11.19
N GLY A 258 -5.19 4.34 9.99
CA GLY A 258 -4.14 4.75 9.06
C GLY A 258 -3.76 3.70 8.03
N LEU A 259 -2.76 4.01 7.24
CA LEU A 259 -2.30 3.13 6.17
C LEU A 259 -1.99 1.74 6.68
N ASP A 260 -2.52 0.73 5.99
CA ASP A 260 -2.14 -0.67 6.22
C ASP A 260 -0.86 -0.92 5.44
N VAL A 261 0.27 -0.79 6.14
CA VAL A 261 1.58 -0.91 5.50
C VAL A 261 1.76 -2.31 4.91
N GLU A 262 1.35 -3.34 5.63
CA GLU A 262 1.55 -4.74 5.18
C GLU A 262 0.80 -5.00 3.87
N LEU A 263 -0.46 -4.61 3.83
CA LEU A 263 -1.25 -4.84 2.61
C LEU A 263 -0.71 -3.98 1.46
N THR A 264 -0.30 -2.74 1.76
CA THR A 264 0.30 -1.87 0.72
C THR A 264 1.53 -2.55 0.11
N TYR A 265 2.38 -3.10 0.98
CA TYR A 265 3.61 -3.77 0.50
C TYR A 265 3.25 -4.91 -0.47
N GLU A 266 2.24 -5.70 -0.11
CA GLU A 266 1.82 -6.84 -0.95
C GLU A 266 1.23 -6.38 -2.25
N LEU A 267 0.42 -5.33 -2.22
CA LEU A 267 -0.17 -4.78 -3.43
C LEU A 267 0.89 -4.22 -4.39
N GLU A 268 1.89 -3.59 -3.82
CA GLU A 268 3.01 -3.10 -4.62
C GLU A 268 3.70 -4.28 -5.33
N ARG A 269 3.95 -5.34 -4.57
CA ARG A 269 4.59 -6.57 -5.11
C ARG A 269 3.76 -7.17 -6.23
N LEU A 270 2.44 -7.21 -6.04
CA LEU A 270 1.55 -7.88 -6.97
C LEU A 270 1.21 -7.02 -8.18
N GLY A 271 1.47 -5.72 -8.11
CA GLY A 271 1.13 -4.82 -9.21
C GLY A 271 -0.33 -4.41 -9.22
N VAL A 272 -0.83 -3.98 -8.07
CA VAL A 272 -2.21 -3.61 -7.91
C VAL A 272 -2.31 -2.18 -7.41
N SER A 273 -3.08 -1.36 -8.14
CA SER A 273 -3.38 0.02 -7.72
C SER A 273 -4.19 0.06 -6.41
N TRP A 274 -4.08 1.17 -5.68
CA TRP A 274 -4.70 1.25 -4.38
C TRP A 274 -5.16 2.64 -4.00
N LEU A 275 -6.29 2.65 -3.28
CA LEU A 275 -6.86 3.85 -2.66
C LEU A 275 -7.06 3.53 -1.20
N THR A 276 -6.33 4.28 -0.38
CA THR A 276 -6.33 4.08 1.06
C THR A 276 -7.46 4.90 1.71
N PHE A 277 -7.95 4.42 2.85
CA PHE A 277 -9.08 5.06 3.54
C PHE A 277 -8.64 6.13 4.55
N GLN A 278 -7.84 7.07 4.09
CA GLN A 278 -7.53 8.29 4.84
C GLN A 278 -7.95 9.45 3.95
N TYR A 279 -8.45 10.52 4.56
CA TYR A 279 -9.12 11.61 3.83
C TYR A 279 -8.28 12.88 3.60
N ILE A 280 -8.68 13.60 2.57
CA ILE A 280 -8.15 14.91 2.24
C ILE A 280 -8.85 15.94 3.11
N PRO A 281 -8.09 16.84 3.77
CA PRO A 281 -8.75 17.88 4.58
C PRO A 281 -9.75 18.68 3.76
N PRO A 282 -10.81 19.19 4.39
CA PRO A 282 -10.94 19.37 5.84
C PRO A 282 -11.56 18.26 6.63
N THR A 283 -12.31 17.37 5.98
CA THR A 283 -13.08 16.39 6.74
C THR A 283 -13.30 15.07 6.00
N GLY A 284 -13.58 14.03 6.77
CA GLY A 284 -13.95 12.74 6.25
C GLY A 284 -14.30 11.85 7.41
N VAL A 285 -14.68 10.62 7.15
CA VAL A 285 -15.16 9.80 8.23
C VAL A 285 -14.14 9.09 9.04
N SER A 286 -12.95 8.93 8.51
CA SER A 286 -11.91 8.13 9.19
C SER A 286 -10.79 9.03 9.72
N ASP A 287 -9.61 9.02 9.09
CA ASP A 287 -8.41 9.71 9.55
C ASP A 287 -7.79 10.55 8.44
N ASP A 288 -7.30 11.72 8.81
CA ASP A 288 -6.74 12.70 7.87
C ASP A 288 -5.39 12.19 7.34
N VAL A 289 -5.29 12.03 6.02
CA VAL A 289 -4.08 11.50 5.38
C VAL A 289 -2.87 12.44 5.53
N THR A 290 -3.10 13.71 5.89
CA THR A 290 -1.98 14.66 6.05
C THR A 290 -1.40 14.65 7.45
N LYS A 291 -2.04 13.94 8.38
CA LYS A 291 -1.51 13.77 9.73
C LYS A 291 -0.46 12.66 9.67
N PRO A 292 0.80 12.93 10.04
CA PRO A 292 1.84 11.92 9.87
C PRO A 292 1.52 10.57 10.47
N GLU A 293 0.90 10.54 11.65
CA GLU A 293 0.65 9.30 12.34
CA GLU A 293 0.67 9.27 12.32
C GLU A 293 -0.24 8.32 11.55
N TYR A 294 -1.02 8.85 10.59
CA TYR A 294 -1.96 8.03 9.83
C TYR A 294 -1.47 7.67 8.43
N PHE A 295 -0.32 8.21 8.01
CA PHE A 295 0.18 7.88 6.70
C PHE A 295 1.69 8.08 6.57
N SER A 296 2.19 9.32 6.53
CA SER A 296 3.60 9.53 6.19
C SER A 296 4.57 8.90 7.19
N ALA A 297 4.24 8.88 8.48
CA ALA A 297 5.16 8.32 9.45
C ALA A 297 5.14 6.79 9.36
N LEU A 298 3.99 6.22 9.01
CA LEU A 298 3.89 4.79 8.81
C LEU A 298 4.79 4.34 7.65
N VAL A 299 4.75 5.11 6.57
CA VAL A 299 5.60 4.86 5.41
C VAL A 299 7.08 5.00 5.82
N GLU A 300 7.43 6.12 6.44
CA GLU A 300 8.83 6.37 6.77
CA GLU A 300 8.81 6.44 6.87
C GLU A 300 9.36 5.33 7.75
N ASN A 301 8.60 4.94 8.73
CA ASN A 301 9.11 3.99 9.72
C ASN A 301 9.31 2.61 9.14
N SER A 302 8.49 2.25 8.15
CA SER A 302 8.51 0.91 7.59
C SER A 302 9.57 0.68 6.53
N GLY A 303 9.96 1.76 5.85
CA GLY A 303 10.84 1.65 4.68
C GLY A 303 10.12 1.43 3.37
N LEU A 304 8.79 1.39 3.39
CA LEU A 304 8.00 1.33 2.16
C LEU A 304 8.38 2.48 1.22
N SER A 305 8.54 2.18 -0.07
CA SER A 305 8.86 3.18 -1.07
C SER A 305 8.27 2.78 -2.41
N TRP A 306 7.89 3.81 -3.16
CA TRP A 306 7.48 3.67 -4.56
C TRP A 306 7.90 4.95 -5.26
N THR A 307 7.95 4.90 -6.59
CA THR A 307 8.29 6.08 -7.37
C THR A 307 7.04 6.92 -7.55
N PRO A 308 7.00 8.15 -6.98
CA PRO A 308 5.78 8.95 -7.04
C PRO A 308 5.69 9.72 -8.36
N ASP A 309 4.48 10.00 -8.84
CA ASP A 309 4.35 10.84 -10.05
C ASP A 309 4.86 12.26 -9.84
N TYR A 310 4.70 12.78 -8.64
CA TYR A 310 5.04 14.18 -8.31
C TYR A 310 5.88 14.26 -7.06
N GLY A 311 6.70 15.28 -7.00
CA GLY A 311 7.55 15.50 -5.82
C GLY A 311 8.65 14.50 -5.61
N ASN A 312 9.19 14.46 -4.38
CA ASN A 312 10.29 13.53 -4.10
CA ASN A 312 10.31 13.60 -4.07
C ASN A 312 10.06 12.73 -2.83
N TRP A 313 8.79 12.46 -2.54
CA TRP A 313 8.43 11.64 -1.38
C TRP A 313 7.46 10.57 -1.87
N PRO A 314 7.64 9.29 -1.44
CA PRO A 314 8.73 8.81 -0.59
C PRO A 314 10.07 8.91 -1.29
N ALA A 315 11.13 9.08 -0.52
CA ALA A 315 12.45 9.04 -1.10
C ALA A 315 12.74 7.68 -1.72
N ALA A 316 13.46 7.69 -2.84
CA ALA A 316 13.89 6.46 -3.45
C ALA A 316 14.85 5.69 -2.54
N ARG A 317 14.52 4.43 -2.28
CA ARG A 317 15.32 3.57 -1.43
C ARG A 317 14.87 2.14 -1.59
N GLY A 318 15.66 1.22 -1.08
CA GLY A 318 15.23 -0.16 -1.08
C GLY A 318 16.26 -1.09 -0.51
N VAL A 319 15.92 -2.36 -0.47
CA VAL A 319 16.75 -3.39 0.08
C VAL A 319 17.91 -3.68 -0.87
N TYR A 320 19.09 -3.88 -0.32
CA TYR A 320 20.25 -4.31 -1.09
C TYR A 320 20.37 -5.82 -0.98
N GLY A 321 20.35 -6.50 -2.13
CA GLY A 321 20.30 -7.94 -2.13
C GLY A 321 18.91 -8.48 -1.83
N ASN A 322 18.85 -9.77 -1.54
CA ASN A 322 17.60 -10.44 -1.21
C ASN A 322 16.49 -10.25 -2.27
N GLY A 323 16.90 -10.11 -3.54
CA GLY A 323 15.95 -9.85 -4.63
C GLY A 323 15.18 -8.55 -4.54
N GLY A 324 15.68 -7.62 -3.71
CA GLY A 324 14.98 -6.38 -3.42
C GLY A 324 13.77 -6.49 -2.50
N LEU A 325 13.56 -7.67 -1.90
CA LEU A 325 12.48 -7.91 -0.98
C LEU A 325 12.93 -7.61 0.45
N ALA A 326 12.04 -7.08 1.27
CA ALA A 326 12.35 -6.89 2.69
C ALA A 326 12.84 -8.22 3.28
N ARG A 327 13.82 -8.15 4.18
CA ARG A 327 14.38 -9.37 4.74
C ARG A 327 13.48 -9.92 5.83
N GLU A 328 12.80 -11.02 5.51
CA GLU A 328 11.83 -11.61 6.43
CA GLU A 328 11.83 -11.58 6.44
C GLU A 328 12.54 -12.31 7.58
N THR A 329 12.05 -12.09 8.80
CA THR A 329 12.62 -12.77 9.98
C THR A 329 12.24 -14.23 10.04
N ALA A 330 13.17 -15.04 10.50
CA ALA A 330 12.95 -16.47 10.64
C ALA A 330 11.94 -16.70 11.75
N THR A 331 11.28 -17.84 11.68
CA THR A 331 10.42 -18.32 12.76
C THR A 331 10.85 -19.75 13.07
N TRP A 332 10.39 -20.23 14.22
CA TRP A 332 10.55 -21.65 14.57
C TRP A 332 9.35 -22.44 14.10
N ILE A 333 9.61 -23.51 13.33
CA ILE A 333 8.58 -24.48 12.92
C ILE A 333 9.18 -25.82 13.23
N ASN A 334 8.47 -26.71 13.92
CA ASN A 334 9.01 -28.06 14.17
C ASN A 334 10.49 -28.08 14.62
N ASN A 335 10.82 -27.20 15.57
CA ASN A 335 12.13 -27.13 16.23
C ASN A 335 13.31 -26.70 15.32
N PHE A 336 12.98 -26.18 14.13
CA PHE A 336 14.00 -25.65 13.24
C PHE A 336 13.68 -24.22 12.84
N LEU A 337 14.70 -23.48 12.43
CA LEU A 337 14.53 -22.12 11.93
C LEU A 337 14.20 -22.16 10.43
N THR A 338 13.21 -21.37 10.03
CA THR A 338 12.68 -21.42 8.69
C THR A 338 13.58 -20.79 7.63
N GLY A 339 14.54 -19.96 8.05
CA GLY A 339 15.40 -19.28 7.11
C GLY A 339 16.52 -18.58 7.84
N THR A 340 17.33 -17.84 7.06
CA THR A 340 18.50 -17.12 7.56
CA THR A 340 18.51 -17.17 7.65
C THR A 340 18.09 -16.10 8.65
N THR A 341 18.94 -15.92 9.65
CA THR A 341 18.74 -14.90 10.66
C THR A 341 19.76 -13.79 10.45
N ARG A 342 20.70 -14.00 9.55
CA ARG A 342 21.85 -13.09 9.41
C ARG A 342 21.65 -12.07 8.30
N ILE A 343 21.96 -10.80 8.60
CA ILE A 343 22.00 -9.71 7.63
C ILE A 343 23.42 -9.18 7.60
N GLU A 344 24.08 -9.23 6.45
CA GLU A 344 25.44 -8.73 6.39
C GLU A 344 25.42 -7.21 6.54
N ALA A 345 26.34 -6.64 7.32
CA ALA A 345 26.31 -5.21 7.58
C ALA A 345 26.50 -4.39 6.33
N GLU A 346 27.24 -4.93 5.37
CA GLU A 346 27.49 -4.25 4.11
C GLU A 346 26.26 -4.25 3.17
N ASP A 347 25.17 -4.88 3.60
CA ASP A 347 23.94 -4.95 2.82
C ASP A 347 22.86 -3.99 3.35
N PHE A 348 23.28 -2.84 3.85
CA PHE A 348 22.38 -1.75 4.21
C PHE A 348 21.53 -1.34 3.00
N ASP A 349 20.36 -0.78 3.27
CA ASP A 349 19.49 -0.33 2.19
C ASP A 349 20.23 0.67 1.31
N TRP A 350 19.97 0.64 -0.01
CA TRP A 350 20.38 1.73 -0.86
C TRP A 350 19.40 2.90 -0.73
N GLY A 351 19.83 4.08 -1.14
CA GLY A 351 19.04 5.30 -1.07
C GLY A 351 19.91 6.53 -0.98
N GLY A 352 20.93 6.45 -0.14
CA GLY A 352 21.96 7.47 -0.13
C GLY A 352 22.28 8.02 1.22
N ASN A 353 23.30 8.88 1.22
CA ASN A 353 23.83 9.48 2.43
C ASN A 353 22.78 10.47 2.98
N GLY A 354 22.31 10.22 4.20
CA GLY A 354 21.21 10.97 4.78
C GLY A 354 19.84 10.39 4.54
N VAL A 355 19.79 9.32 3.74
CA VAL A 355 18.56 8.62 3.40
C VAL A 355 18.51 7.21 3.98
N SER A 356 19.42 6.34 3.56
CA SER A 356 19.46 4.97 4.01
C SER A 356 20.65 4.63 4.90
N TYR A 357 21.60 5.57 4.97
CA TYR A 357 22.77 5.50 5.83
C TYR A 357 23.22 6.91 6.01
N TYR A 358 24.08 7.12 6.98
CA TYR A 358 24.82 8.39 7.08
C TYR A 358 26.27 8.07 7.35
N ASP A 359 27.15 8.63 6.50
CA ASP A 359 28.57 8.48 6.66
C ASP A 359 29.24 9.85 6.61
N THR A 360 30.21 10.04 7.50
CA THR A 360 30.93 11.31 7.60
C THR A 360 31.89 11.59 6.44
N ASP A 361 32.24 10.57 5.68
CA ASP A 361 33.05 10.70 4.44
C ASP A 361 32.14 10.34 3.29
N SER A 362 31.95 11.23 2.32
CA SER A 362 31.13 10.93 1.16
C SER A 362 31.65 9.74 0.35
N VAL A 363 32.96 9.51 0.38
CA VAL A 363 33.59 8.38 -0.29
C VAL A 363 33.65 7.17 0.63
N ASN A 364 33.47 5.99 0.07
CA ASN A 364 33.74 4.72 0.73
C ASN A 364 35.25 4.56 0.84
N VAL A 365 35.79 4.88 2.02
CA VAL A 365 37.26 4.93 2.12
C VAL A 365 37.94 3.57 2.10
N GLY A 366 37.18 2.49 2.34
CA GLY A 366 37.66 1.12 2.22
C GLY A 366 37.76 0.63 0.79
N GLY A 367 36.91 1.15 -0.06
CA GLY A 367 36.91 0.83 -1.49
C GLY A 367 36.19 -0.44 -1.87
N GLN A 368 35.69 -1.22 -0.90
CA GLN A 368 35.16 -2.56 -1.21
C GLN A 368 33.65 -2.64 -1.34
N TYR A 369 33.21 -3.60 -2.16
CA TYR A 369 31.83 -4.11 -2.21
C TYR A 369 30.85 -3.14 -2.85
N ARG A 370 30.71 -1.97 -2.27
CA ARG A 370 29.89 -0.90 -2.81
C ARG A 370 30.74 0.36 -2.86
N PRO A 371 31.68 0.41 -3.84
CA PRO A 371 32.62 1.52 -3.89
C PRO A 371 32.01 2.85 -4.19
N ASP A 372 30.81 2.88 -4.79
CA ASP A 372 30.21 4.12 -5.22
C ASP A 372 29.15 4.66 -4.28
N GLU A 373 29.02 4.03 -3.11
CA GLU A 373 28.21 4.59 -2.03
C GLU A 373 29.14 4.98 -0.88
N GLY A 374 28.60 5.59 0.16
CA GLY A 374 29.39 6.29 1.15
C GLY A 374 29.81 5.50 2.38
N VAL A 375 29.21 4.34 2.63
CA VAL A 375 29.57 3.55 3.81
C VAL A 375 30.97 3.01 3.60
N ASP A 376 31.81 3.00 4.63
CA ASP A 376 33.20 2.53 4.47
C ASP A 376 33.27 1.02 4.70
N ILE A 377 33.71 0.29 3.70
CA ILE A 377 33.65 -1.16 3.68
C ILE A 377 35.01 -1.75 3.32
N GLU A 378 35.45 -2.75 4.06
CA GLU A 378 36.71 -3.45 3.79
C GLU A 378 36.48 -4.96 3.77
N LYS A 379 37.44 -5.71 3.22
CA LYS A 379 37.44 -7.14 3.39
C LYS A 379 37.70 -7.47 4.84
N THR A 380 36.98 -8.46 5.36
CA THR A 380 37.10 -8.85 6.75
C THR A 380 38.00 -10.08 6.89
N SER A 381 38.67 -10.16 8.04
CA SER A 381 39.46 -11.33 8.44
C SER A 381 38.69 -12.27 9.36
N ASP A 382 37.42 -11.98 9.65
CA ASP A 382 36.62 -12.82 10.52
C ASP A 382 36.33 -14.15 9.81
N THR A 383 35.91 -15.17 10.56
CA THR A 383 35.44 -16.45 10.01
C THR A 383 34.40 -16.26 8.91
N GLY A 384 34.54 -16.98 7.80
CA GLY A 384 33.61 -16.88 6.68
C GLY A 384 34.03 -15.85 5.63
N GLY A 385 35.02 -15.03 5.96
CA GLY A 385 35.50 -13.99 5.05
C GLY A 385 34.40 -13.00 4.73
N GLY A 386 34.49 -12.39 3.54
CA GLY A 386 33.53 -11.40 3.11
C GLY A 386 33.99 -10.02 3.49
N TYR A 387 33.06 -9.22 4.02
CA TYR A 387 33.31 -7.78 4.19
C TYR A 387 32.84 -7.34 5.57
N ASN A 388 33.45 -6.26 6.07
CA ASN A 388 32.87 -5.57 7.24
C ASN A 388 32.77 -4.08 7.00
N VAL A 389 31.81 -3.46 7.69
CA VAL A 389 31.77 -2.02 7.73
C VAL A 389 32.84 -1.59 8.74
N GLY A 390 33.66 -0.63 8.32
CA GLY A 390 34.74 -0.08 9.14
C GLY A 390 34.69 1.42 9.16
N TRP A 391 35.71 2.04 9.76
CA TRP A 391 35.72 3.49 9.90
C TRP A 391 34.34 4.02 10.33
N ILE A 392 33.80 3.41 11.39
CA ILE A 392 32.51 3.79 11.93
C ILE A 392 32.71 4.92 12.92
N SER A 393 32.12 6.06 12.60
CA SER A 393 32.28 7.28 13.34
C SER A 393 31.02 7.61 14.15
N GLU A 394 31.20 8.25 15.31
CA GLU A 394 30.06 8.70 16.11
C GLU A 394 29.07 9.50 15.27
N GLY A 395 27.77 9.14 15.35
CA GLY A 395 26.72 9.82 14.63
C GLY A 395 26.33 9.15 13.33
N GLU A 396 27.15 8.20 12.88
CA GLU A 396 26.83 7.46 11.65
C GLU A 396 25.68 6.51 11.96
N TRP A 397 25.01 6.08 10.92
CA TRP A 397 23.93 5.12 11.06
C TRP A 397 23.71 4.35 9.77
N LEU A 398 23.11 3.17 9.89
CA LEU A 398 22.87 2.22 8.80
C LEU A 398 21.45 1.69 8.97
N GLU A 399 20.68 1.65 7.88
CA GLU A 399 19.33 1.10 7.91
C GLU A 399 19.20 -0.15 7.02
N TYR A 400 18.39 -1.07 7.49
CA TYR A 400 18.11 -2.34 6.85
C TYR A 400 16.61 -2.58 6.91
N THR A 401 15.92 -2.66 5.77
CA THR A 401 14.47 -2.91 5.78
C THR A 401 14.21 -4.43 5.95
N ILE A 402 13.49 -4.72 7.02
CA ILE A 402 13.16 -6.09 7.42
C ILE A 402 11.67 -6.24 7.52
N ARG A 403 11.23 -7.49 7.71
CA ARG A 403 9.81 -7.75 7.92
C ARG A 403 9.68 -8.79 9.01
N VAL A 404 9.17 -8.39 10.18
CA VAL A 404 9.05 -9.26 11.34
C VAL A 404 7.75 -10.02 11.23
N ARG A 405 7.87 -11.33 11.09
CA ARG A 405 6.69 -12.15 10.85
C ARG A 405 5.79 -12.23 12.06
N ASN A 406 6.39 -12.43 13.24
CA ASN A 406 5.64 -12.58 14.46
C ASN A 406 6.12 -11.60 15.51
N PRO A 407 5.19 -10.97 16.21
CA PRO A 407 5.64 -10.13 17.31
C PRO A 407 6.23 -10.99 18.41
N GLY A 408 7.10 -10.40 19.21
CA GLY A 408 7.63 -11.07 20.38
C GLY A 408 9.08 -10.73 20.67
N TYR A 409 9.69 -11.59 21.46
CA TYR A 409 11.10 -11.47 21.83
C TYR A 409 12.03 -12.10 20.83
N TYR A 410 13.10 -11.36 20.52
CA TYR A 410 14.13 -11.77 19.61
C TYR A 410 15.48 -11.52 20.27
N ASN A 411 16.42 -12.38 19.97
CA ASN A 411 17.83 -12.09 20.22
C ASN A 411 18.41 -11.31 19.06
N LEU A 412 18.89 -10.10 19.36
CA LEU A 412 19.56 -9.25 18.40
C LEU A 412 21.05 -9.37 18.66
N SER A 413 21.81 -9.83 17.68
CA SER A 413 23.26 -9.99 17.81
C SER A 413 24.00 -9.11 16.81
N LEU A 414 25.12 -8.55 17.26
CA LEU A 414 26.02 -7.79 16.40
C LEU A 414 27.39 -8.43 16.44
N ARG A 415 27.96 -8.70 15.29
CA ARG A 415 29.29 -9.28 15.19
C ARG A 415 30.25 -8.10 15.03
N VAL A 416 31.07 -7.87 16.05
CA VAL A 416 31.85 -6.64 16.18
C VAL A 416 33.31 -6.92 16.55
N ALA A 417 34.14 -5.92 16.29
CA ALA A 417 35.59 -5.94 16.63
C ALA A 417 35.98 -4.51 16.95
N GLY A 418 36.79 -4.31 17.98
CA GLY A 418 37.21 -2.98 18.26
C GLY A 418 37.89 -2.82 19.59
N ILE A 419 37.96 -1.56 19.98
CA ILE A 419 38.70 -1.17 21.17
C ILE A 419 37.70 -0.68 22.20
N SER A 420 38.21 -0.08 23.27
CA SER A 420 37.34 0.41 24.34
C SER A 420 36.38 1.54 23.94
N GLY A 421 35.27 1.63 24.66
CA GLY A 421 34.34 2.77 24.56
C GLY A 421 33.38 2.74 23.38
N SER A 422 33.20 1.57 22.75
CA SER A 422 32.23 1.48 21.67
C SER A 422 30.80 1.23 22.17
N ARG A 423 29.90 1.94 21.52
CA ARG A 423 28.49 1.89 21.92
C ARG A 423 27.61 2.18 20.73
N VAL A 424 26.48 1.51 20.74
CA VAL A 424 25.42 1.67 19.72
C VAL A 424 24.06 1.80 20.36
N GLN A 425 23.08 2.11 19.53
CA GLN A 425 21.68 2.06 19.94
C GLN A 425 20.92 1.64 18.69
N VAL A 426 19.96 0.72 18.82
CA VAL A 426 19.30 0.13 17.64
C VAL A 426 17.80 0.41 17.72
N SER A 427 17.27 0.99 16.66
CA SER A 427 15.85 1.28 16.51
C SER A 427 15.22 0.33 15.49
N PHE A 428 13.93 0.09 15.70
CA PHE A 428 13.11 -0.70 14.80
C PHE A 428 11.89 0.14 14.49
N GLY A 429 11.67 0.47 13.23
CA GLY A 429 10.57 1.38 12.87
C GLY A 429 10.65 2.71 13.64
N ASN A 430 11.88 3.20 13.84
CA ASN A 430 12.17 4.47 14.50
C ASN A 430 11.78 4.45 15.97
N GLN A 431 11.65 3.26 16.55
CA GLN A 431 11.45 3.10 18.00
C GLN A 431 12.71 2.45 18.59
N ASP A 432 13.23 3.04 19.66
CA ASP A 432 14.40 2.52 20.34
C ASP A 432 14.06 1.19 21.02
N LYS A 433 14.78 0.13 20.68
CA LYS A 433 14.58 -1.18 21.27
C LYS A 433 15.70 -1.66 22.20
N THR A 434 16.80 -0.93 22.28
CA THR A 434 17.95 -1.37 23.05
C THR A 434 18.37 -0.41 24.16
N GLY A 435 18.06 0.88 24.05
CA GLY A 435 18.79 1.92 24.82
C GLY A 435 20.26 1.95 24.43
N VAL A 436 21.07 2.61 25.26
CA VAL A 436 22.50 2.60 25.02
C VAL A 436 23.04 1.19 25.23
N TRP A 437 23.77 0.69 24.26
CA TRP A 437 24.34 -0.64 24.29
C TRP A 437 25.86 -0.53 24.26
N GLU A 438 26.49 -0.82 25.40
CA GLU A 438 27.94 -0.83 25.53
C GLU A 438 28.47 -2.09 24.91
N LEU A 439 29.21 -1.98 23.84
CA LEU A 439 29.71 -3.14 23.12
C LEU A 439 31.03 -3.61 23.74
N PRO A 440 31.34 -4.91 23.63
CA PRO A 440 32.58 -5.44 24.18
C PRO A 440 33.83 -4.94 23.42
N ALA A 441 34.89 -4.61 24.14
CA ALA A 441 36.19 -4.40 23.55
C ALA A 441 36.78 -5.77 23.22
N THR A 442 37.39 -5.91 22.06
CA THR A 442 37.99 -7.18 21.70
C THR A 442 39.50 -7.08 21.64
N GLY A 443 40.03 -5.85 21.72
CA GLY A 443 41.48 -5.64 21.60
C GLY A 443 42.05 -5.40 20.21
N GLY A 444 41.21 -5.51 19.18
CA GLY A 444 41.70 -5.30 17.84
C GLY A 444 40.57 -5.17 16.86
N PHE A 445 40.83 -4.46 15.77
CA PHE A 445 39.79 -4.20 14.76
C PHE A 445 39.48 -5.40 13.86
N GLN A 446 40.28 -6.47 13.94
CA GLN A 446 39.92 -7.75 13.29
C GLN A 446 39.95 -8.94 14.25
N THR A 447 39.68 -8.64 15.52
CA THR A 447 39.44 -9.65 16.54
C THR A 447 37.97 -9.57 16.88
N TRP A 448 37.23 -10.61 16.52
CA TRP A 448 35.76 -10.55 16.41
C TRP A 448 35.06 -11.25 17.55
N THR A 449 33.92 -10.71 17.96
CA THR A 449 33.08 -11.32 18.98
C THR A 449 31.61 -11.03 18.66
N THR A 450 30.72 -11.80 19.24
CA THR A 450 29.28 -11.59 19.02
C THR A 450 28.64 -11.06 20.29
N ALA A 451 28.09 -9.85 20.20
CA ALA A 451 27.37 -9.22 21.29
C ALA A 451 25.87 -9.45 21.08
N THR A 452 25.12 -9.79 22.12
CA THR A 452 23.68 -10.09 22.01
C THR A 452 22.85 -9.37 23.05
N ARG A 453 21.69 -8.90 22.66
CA ARG A 453 20.72 -8.26 23.53
C ARG A 453 19.31 -8.67 23.11
N GLN A 454 18.45 -8.98 24.05
CA GLN A 454 17.07 -9.33 23.74
C GLN A 454 16.28 -8.04 23.47
N VAL A 455 15.43 -8.08 22.43
CA VAL A 455 14.55 -6.98 22.09
C VAL A 455 13.13 -7.52 21.94
N PHE A 456 12.16 -6.65 22.08
CA PHE A 456 10.75 -7.00 21.88
C PHE A 456 10.23 -6.22 20.68
N LEU A 457 9.79 -6.94 19.67
CA LEU A 457 9.43 -6.34 18.39
C LEU A 457 7.97 -6.51 18.07
N GLY A 458 7.41 -5.53 17.38
CA GLY A 458 6.11 -5.72 16.74
C GLY A 458 6.28 -6.36 15.39
N ALA A 459 5.18 -6.90 14.86
CA ALA A 459 5.20 -7.48 13.53
C ALA A 459 5.19 -6.42 12.45
N GLY A 460 5.70 -6.80 11.30
CA GLY A 460 5.54 -6.04 10.09
C GLY A 460 6.81 -5.49 9.47
N LEU A 461 6.62 -4.84 8.34
CA LEU A 461 7.68 -4.18 7.62
C LEU A 461 8.19 -3.04 8.51
N GLN A 462 9.51 -2.99 8.70
CA GLN A 462 10.09 -2.01 9.59
C GLN A 462 11.57 -1.87 9.28
N LYS A 463 12.11 -0.67 9.44
CA LYS A 463 13.54 -0.47 9.31
C LYS A 463 14.29 -0.75 10.61
N LEU A 464 15.33 -1.56 10.52
CA LEU A 464 16.30 -1.76 11.59
C LEU A 464 17.38 -0.72 11.39
N ARG A 465 17.57 0.16 12.36
CA ARG A 465 18.57 1.24 12.25
C ARG A 465 19.60 1.09 13.34
N ILE A 466 20.86 0.95 12.94
CA ILE A 466 21.99 0.96 13.88
C ILE A 466 22.52 2.37 13.96
N ASN A 467 22.47 2.97 15.15
CA ASN A 467 23.02 4.30 15.41
C ASN A 467 24.34 4.13 16.16
N ALA A 468 25.44 4.58 15.55
CA ALA A 468 26.74 4.54 16.22
C ALA A 468 26.82 5.71 17.20
N LEU A 469 26.87 5.38 18.47
CA LEU A 469 26.99 6.41 19.50
C LEU A 469 28.45 6.67 19.86
N SER A 470 29.36 5.98 19.18
CA SER A 470 30.79 6.16 19.35
C SER A 470 31.43 5.72 18.04
N GLY A 471 32.74 5.89 17.94
CA GLY A 471 33.55 5.20 16.97
C GLY A 471 34.19 3.99 17.61
N GLY A 472 35.25 3.50 17.00
CA GLY A 472 36.09 2.51 17.63
C GLY A 472 35.65 1.07 17.49
N PHE A 473 34.72 0.79 16.58
CA PHE A 473 34.36 -0.60 16.33
C PHE A 473 34.05 -0.79 14.85
N ASN A 474 34.18 -2.05 14.43
CA ASN A 474 33.80 -2.55 13.10
C ASN A 474 32.61 -3.47 13.26
N LEU A 475 31.83 -3.60 12.19
CA LEU A 475 30.61 -4.42 12.19
C LEU A 475 30.58 -5.35 10.97
N ASN A 476 30.52 -6.66 11.22
CA ASN A 476 30.51 -7.67 10.15
C ASN A 476 29.07 -7.97 9.71
N TRP A 477 28.23 -8.30 10.69
CA TRP A 477 26.84 -8.69 10.42
C TRP A 477 25.97 -8.55 11.63
N ILE A 478 24.67 -8.69 11.38
CA ILE A 478 23.60 -8.57 12.37
C ILE A 478 22.82 -9.88 12.32
N GLU A 479 22.43 -10.41 13.47
CA GLU A 479 21.49 -11.54 13.48
C GLU A 479 20.28 -11.18 14.30
N LEU A 480 19.11 -11.66 13.89
CA LEU A 480 17.87 -11.44 14.59
C LEU A 480 17.15 -12.78 14.64
N SER A 481 17.07 -13.35 15.83
CA SER A 481 16.64 -14.74 15.98
CA SER A 481 16.64 -14.75 15.97
C SER A 481 15.51 -14.84 16.98
N PRO A 482 14.40 -15.45 16.56
CA PRO A 482 13.29 -15.53 17.49
C PRO A 482 13.68 -16.37 18.70
N ILE A 483 13.22 -15.96 19.88
CA ILE A 483 13.45 -16.73 21.08
C ILE A 483 12.42 -17.85 21.07
N LEU A 484 11.21 -17.62 20.94
#